data_6K3L
#
_entry.id   6K3L
#
_cell.length_a   90.762
_cell.length_b   95.395
_cell.length_c   94.518
_cell.angle_alpha   90.00
_cell.angle_beta   90.00
_cell.angle_gamma   90.00
#
_symmetry.space_group_name_H-M   'C 2 2 21'
#
loop_
_entity.id
_entity.type
_entity.pdbx_description
1 polymer 'CMGC/CK2 protein kinase'
2 non-polymer '5-[(3-chlorophenyl)amino]benzo[c][2,6]naphthyridine-8-carboxylic acid'
3 non-polymer 'SULFATE ION'
4 water water
#
_entity_poly.entity_id   1
_entity_poly.type   'polypeptide(L)'
_entity_poly.pdbx_seq_one_letter_code
;MSGGRSVARVYANVNEKLGRSWWDYDNLVVQWGVQDNYEIVRKVGRGKYSEVFESIHLPTDSKCIVKVLKPVKKKKIKRE
IKILQNLAGGPNVVGLLDVVRDSQSKTPSIVTEYVNNTEFKTLYPKFSDFDVRYYIFELLKALDFCHSKGIMHRDVKPHN
VMIDHEKRTLRLIDWGLAEFYHPGTEYNVRVASRYFKGPELLVDFQEYDYSLDMWSLGCMFASMIFRKEPFFHGHDNADQ
LVKIAKVLGTDELYTYLERYDIDLDAQFDDILGRYPRKPWSRFVSSENQRYISSEAIDFLDKLLRYDHQERLTAEEAKEH
PYFEPVRQAAAQASASQP
;
_entity_poly.pdbx_strand_id   B
#
# COMPACT_ATOMS: atom_id res chain seq x y z
N ARG A 5 -13.26 11.79 -16.13
CA ARG A 5 -13.96 10.47 -16.23
C ARG A 5 -14.26 9.99 -14.79
N SER A 6 -13.63 8.93 -14.31
CA SER A 6 -13.81 8.49 -12.91
C SER A 6 -13.22 9.51 -11.93
N VAL A 7 -13.89 9.71 -10.80
CA VAL A 7 -13.43 10.58 -9.69
C VAL A 7 -13.60 9.81 -8.38
N ALA A 8 -12.64 9.93 -7.46
CA ALA A 8 -12.71 9.26 -6.12
C ALA A 8 -14.06 9.56 -5.47
N ARG A 9 -14.69 8.55 -4.85
CA ARG A 9 -16.02 8.78 -4.19
C ARG A 9 -15.80 9.34 -2.76
N VAL A 10 -14.60 9.32 -2.20
CA VAL A 10 -14.28 10.07 -0.93
C VAL A 10 -13.01 10.87 -1.14
N TYR A 11 -12.86 11.98 -0.41
CA TYR A 11 -11.61 12.76 -0.30
C TYR A 11 -11.18 13.33 -1.66
N ALA A 12 -12.12 13.54 -2.57
CA ALA A 12 -11.81 13.99 -3.95
C ALA A 12 -11.27 15.43 -3.90
N ASN A 13 -11.74 16.24 -2.96
CA ASN A 13 -11.52 17.71 -2.92
C ASN A 13 -10.45 18.09 -1.89
N VAL A 14 -9.78 17.11 -1.29
CA VAL A 14 -8.79 17.39 -0.20
C VAL A 14 -7.66 18.27 -0.76
N ASN A 15 -7.08 17.91 -1.88
CA ASN A 15 -5.94 18.69 -2.41
C ASN A 15 -6.42 20.08 -2.89
N GLU A 16 -7.67 20.22 -3.33
CA GLU A 16 -8.29 21.51 -3.65
C GLU A 16 -8.27 22.40 -2.40
N LYS A 17 -8.80 21.91 -1.27
CA LYS A 17 -8.89 22.68 -0.02
C LYS A 17 -7.50 23.04 0.54
N LEU A 18 -6.54 22.12 0.50
CA LEU A 18 -5.19 22.35 1.08
C LEU A 18 -4.32 23.28 0.21
N GLY A 19 -4.45 23.27 -1.11
CA GLY A 19 -3.71 24.23 -1.95
C GLY A 19 -2.32 23.79 -2.37
N ARG A 20 -1.65 24.65 -3.14
CA ARG A 20 -0.34 24.42 -3.80
C ARG A 20 0.72 24.09 -2.73
N SER A 21 0.64 24.71 -1.56
CA SER A 21 1.65 24.49 -0.50
C SER A 21 1.53 23.05 0.03
N TRP A 22 0.40 22.38 -0.09
CA TRP A 22 0.28 20.95 0.27
C TRP A 22 0.85 20.07 -0.86
N TRP A 23 0.40 20.23 -2.10
CA TRP A 23 0.65 19.19 -3.13
C TRP A 23 1.74 19.59 -4.13
N ASP A 24 2.21 20.83 -4.17
CA ASP A 24 3.08 21.26 -5.31
C ASP A 24 4.53 20.86 -5.05
N TYR A 25 4.82 19.56 -5.06
CA TYR A 25 6.16 19.06 -4.65
C TYR A 25 7.25 19.58 -5.59
N ASP A 26 6.92 19.98 -6.82
CA ASP A 26 7.92 20.52 -7.77
C ASP A 26 8.62 21.74 -7.17
N ASN A 27 7.93 22.51 -6.34
CA ASN A 27 8.47 23.78 -5.79
C ASN A 27 8.90 23.59 -4.34
N LEU A 28 9.14 22.37 -3.91
CA LEU A 28 9.59 22.07 -2.53
C LEU A 28 10.97 22.67 -2.27
N VAL A 29 11.19 23.40 -1.19
CA VAL A 29 12.58 23.75 -0.83
C VAL A 29 12.88 22.99 0.45
N VAL A 30 13.84 22.09 0.40
CA VAL A 30 14.17 21.22 1.56
C VAL A 30 15.12 22.00 2.47
N GLN A 31 14.93 21.95 3.78
CA GLN A 31 15.94 22.57 4.67
C GLN A 31 16.88 21.45 5.15
N TRP A 32 17.87 21.16 4.31
CA TRP A 32 18.77 19.99 4.49
C TRP A 32 19.36 20.00 5.90
N GLY A 33 19.42 18.83 6.51
CA GLY A 33 20.06 18.61 7.82
C GLY A 33 21.56 18.51 7.68
N VAL A 34 22.24 18.20 8.76
CA VAL A 34 23.72 18.05 8.77
C VAL A 34 24.04 16.58 8.56
N GLN A 35 24.53 16.26 7.38
CA GLN A 35 24.92 14.88 7.04
C GLN A 35 25.86 14.31 8.10
N ASP A 36 26.84 15.07 8.59
CA ASP A 36 27.83 14.55 9.58
C ASP A 36 27.22 14.29 10.95
N ASN A 37 25.94 14.63 11.17
CA ASN A 37 25.23 14.28 12.43
C ASN A 37 24.80 12.81 12.36
N TYR A 38 24.96 12.13 11.21
CA TYR A 38 24.52 10.72 11.05
C TYR A 38 25.72 9.84 10.73
N GLU A 39 25.73 8.62 11.26
CA GLU A 39 26.78 7.64 10.98
C GLU A 39 26.09 6.37 10.48
N ILE A 40 26.45 5.91 9.29
CA ILE A 40 25.90 4.66 8.71
C ILE A 40 26.63 3.52 9.41
N VAL A 41 25.90 2.53 9.88
CA VAL A 41 26.45 1.37 10.62
C VAL A 41 26.44 0.12 9.73
N ARG A 42 25.30 -0.24 9.16
CA ARG A 42 25.15 -1.57 8.49
C ARG A 42 24.01 -1.48 7.49
N LYS A 43 24.22 -2.01 6.28
CA LYS A 43 23.17 -2.06 5.26
C LYS A 43 22.12 -3.07 5.71
N VAL A 44 20.85 -2.74 5.63
CA VAL A 44 19.74 -3.65 6.05
C VAL A 44 19.01 -4.13 4.78
N GLY A 45 19.09 -3.39 3.68
CA GLY A 45 18.30 -3.72 2.49
C GLY A 45 18.68 -2.91 1.29
N ARG A 46 18.37 -3.44 0.10
CA ARG A 46 18.49 -2.69 -1.17
C ARG A 46 17.14 -2.75 -1.85
N GLY A 47 16.69 -1.63 -2.41
CA GLY A 47 15.52 -1.60 -3.29
C GLY A 47 15.92 -1.34 -4.74
N LYS A 48 14.93 -1.32 -5.64
CA LYS A 48 15.10 -0.83 -7.03
C LYS A 48 15.58 0.61 -6.92
N TYR A 49 14.97 1.35 -6.03
CA TYR A 49 15.07 2.82 -5.92
C TYR A 49 16.07 3.21 -4.84
N SER A 50 16.43 2.33 -3.92
CA SER A 50 17.17 2.85 -2.77
C SER A 50 18.03 1.80 -2.10
N GLU A 51 18.84 2.27 -1.15
CA GLU A 51 19.57 1.41 -0.19
C GLU A 51 19.19 1.89 1.20
N VAL A 52 19.01 0.95 2.11
CA VAL A 52 18.57 1.30 3.47
C VAL A 52 19.65 0.81 4.44
N PHE A 53 20.07 1.69 5.35
CA PHE A 53 21.16 1.41 6.30
C PHE A 53 20.68 1.68 7.73
N GLU A 54 20.99 0.77 8.63
CA GLU A 54 20.87 1.05 10.07
C GLU A 54 21.91 2.10 10.41
N SER A 55 21.52 3.16 11.09
CA SER A 55 22.41 4.33 11.30
C SER A 55 22.26 4.83 12.74
N ILE A 56 23.12 5.75 13.11
CA ILE A 56 23.07 6.43 14.43
C ILE A 56 22.98 7.93 14.18
N HIS A 57 22.03 8.58 14.81
CA HIS A 57 22.05 10.05 14.95
C HIS A 57 23.09 10.36 16.02
N LEU A 58 24.28 10.81 15.65
CA LEU A 58 25.42 10.89 16.60
C LEU A 58 25.10 11.76 17.82
N PRO A 59 24.46 12.94 17.68
CA PRO A 59 24.30 13.83 18.81
C PRO A 59 23.53 13.18 19.96
N THR A 60 22.60 12.27 19.65
CA THR A 60 21.72 11.59 20.65
C THR A 60 22.07 10.11 20.79
N ASP A 61 23.02 9.61 20.00
CA ASP A 61 23.38 8.16 19.98
C ASP A 61 22.10 7.30 19.86
N SER A 62 21.16 7.66 18.99
CA SER A 62 19.90 6.92 18.83
C SER A 62 19.89 6.19 17.49
N LYS A 63 19.25 5.04 17.47
CA LYS A 63 19.26 4.16 16.29
C LYS A 63 18.25 4.73 15.29
N CYS A 64 18.57 4.75 14.02
CA CYS A 64 17.63 5.25 13.00
C CYS A 64 17.95 4.62 11.64
N ILE A 65 17.21 4.98 10.62
CA ILE A 65 17.41 4.45 9.24
C ILE A 65 17.85 5.59 8.32
N VAL A 66 18.84 5.31 7.51
CA VAL A 66 19.20 6.22 6.39
C VAL A 66 18.84 5.49 5.09
N LYS A 67 17.95 6.11 4.34
CA LYS A 67 17.52 5.64 3.02
C LYS A 67 18.14 6.54 1.94
N VAL A 68 19.13 6.03 1.22
CA VAL A 68 19.80 6.81 0.15
C VAL A 68 18.96 6.66 -1.13
N LEU A 69 18.60 7.74 -1.80
CA LEU A 69 17.70 7.72 -2.99
C LEU A 69 18.49 8.04 -4.27
N LYS A 70 18.39 7.21 -5.32
CA LYS A 70 19.05 7.52 -6.63
C LYS A 70 18.13 7.36 -7.83
N PRO A 71 16.87 7.85 -7.82
CA PRO A 71 16.00 7.74 -9.00
C PRO A 71 16.56 8.58 -10.14
N VAL A 72 16.37 8.16 -11.39
CA VAL A 72 16.78 8.97 -12.58
C VAL A 72 15.99 10.28 -12.63
N LYS A 73 14.75 10.34 -12.11
CA LYS A 73 13.91 11.56 -12.11
C LYS A 73 13.98 12.25 -10.75
N LYS A 74 14.48 13.47 -10.69
CA LYS A 74 14.65 14.24 -9.43
C LYS A 74 13.30 14.55 -8.78
N LYS A 75 12.23 14.72 -9.55
CA LYS A 75 10.95 15.16 -8.93
C LYS A 75 10.42 14.04 -8.03
N LYS A 76 10.76 12.77 -8.29
CA LYS A 76 10.41 11.63 -7.41
C LYS A 76 11.03 11.82 -6.03
N ILE A 77 12.22 12.41 -5.91
CA ILE A 77 12.85 12.73 -4.61
C ILE A 77 11.93 13.72 -3.88
N LYS A 78 11.61 14.80 -4.57
CA LYS A 78 10.83 15.90 -3.96
C LYS A 78 9.47 15.33 -3.56
N ARG A 79 8.88 14.51 -4.41
CA ARG A 79 7.51 13.98 -4.13
C ARG A 79 7.59 13.19 -2.82
N GLU A 80 8.55 12.28 -2.68
CA GLU A 80 8.63 11.40 -1.49
C GLU A 80 8.81 12.26 -0.24
N ILE A 81 9.67 13.29 -0.33
CA ILE A 81 9.93 14.16 0.84
C ILE A 81 8.67 14.95 1.18
N LYS A 82 8.02 15.58 0.21
CA LYS A 82 6.79 16.38 0.49
C LYS A 82 5.73 15.49 1.17
N ILE A 83 5.52 14.27 0.68
CA ILE A 83 4.46 13.39 1.24
C ILE A 83 4.82 13.03 2.70
N LEU A 84 6.09 12.73 2.96
CA LEU A 84 6.56 12.36 4.30
C LEU A 84 6.43 13.54 5.26
N GLN A 85 6.72 14.75 4.81
CA GLN A 85 6.47 15.96 5.64
C GLN A 85 4.97 16.08 5.89
N ASN A 86 4.17 15.96 4.84
CA ASN A 86 2.69 16.15 4.95
C ASN A 86 2.10 15.13 5.91
N LEU A 87 2.62 13.90 5.94
CA LEU A 87 1.99 12.86 6.78
C LEU A 87 2.53 12.92 8.23
N ALA A 88 3.25 13.97 8.63
CA ALA A 88 3.78 14.12 10.01
C ALA A 88 2.68 13.83 11.04
N GLY A 89 2.98 13.00 12.03
CA GLY A 89 2.05 12.69 13.13
C GLY A 89 0.97 11.70 12.73
N GLY A 90 0.92 11.22 11.48
CA GLY A 90 -0.17 10.34 11.03
C GLY A 90 -0.07 9.00 11.74
N PRO A 91 -1.19 8.34 12.10
CA PRO A 91 -1.08 7.07 12.82
C PRO A 91 -0.54 5.98 11.88
N ASN A 92 0.51 5.31 12.34
CA ASN A 92 1.16 4.11 11.75
C ASN A 92 1.87 4.49 10.46
N VAL A 93 2.17 5.77 10.22
CA VAL A 93 2.99 6.18 9.04
C VAL A 93 4.42 6.24 9.53
N VAL A 94 5.39 5.75 8.76
CA VAL A 94 6.80 5.80 9.21
C VAL A 94 7.21 7.27 9.43
N GLY A 95 7.86 7.52 10.56
CA GLY A 95 8.24 8.88 10.97
C GLY A 95 9.46 9.37 10.22
N LEU A 96 9.39 10.56 9.67
CA LEU A 96 10.54 11.21 9.00
C LEU A 96 11.39 11.89 10.07
N LEU A 97 12.67 11.58 10.16
CA LEU A 97 13.50 12.24 11.18
C LEU A 97 14.26 13.40 10.56
N ASP A 98 14.59 13.33 9.27
CA ASP A 98 15.48 14.33 8.65
C ASP A 98 15.58 14.01 7.16
N VAL A 99 16.16 14.96 6.45
CA VAL A 99 16.57 14.83 5.05
C VAL A 99 17.97 15.45 4.92
N VAL A 100 18.95 14.68 4.51
CA VAL A 100 20.34 15.19 4.40
C VAL A 100 20.85 14.88 3.01
N ARG A 101 21.97 15.47 2.63
CA ARG A 101 22.60 15.08 1.35
C ARG A 101 24.11 15.22 1.47
N ASP A 102 24.80 14.52 0.57
CA ASP A 102 26.27 14.59 0.45
C ASP A 102 26.61 16.00 -0.06
N SER A 103 27.62 16.64 0.48
CA SER A 103 27.92 18.07 0.14
C SER A 103 28.48 18.17 -1.30
N GLN A 104 29.07 17.11 -1.83
CA GLN A 104 29.71 17.18 -3.17
C GLN A 104 28.77 16.60 -4.22
N SER A 105 28.34 15.36 -4.06
CA SER A 105 27.49 14.64 -5.05
C SER A 105 26.06 15.20 -5.03
N LYS A 106 25.61 15.75 -3.91
CA LYS A 106 24.23 16.26 -3.70
C LYS A 106 23.21 15.11 -3.66
N THR A 107 23.67 13.86 -3.57
CA THR A 107 22.83 12.67 -3.43
C THR A 107 22.05 12.77 -2.14
N PRO A 108 20.70 12.82 -2.16
CA PRO A 108 19.92 12.96 -0.94
C PRO A 108 19.64 11.64 -0.23
N SER A 109 19.38 11.76 1.06
CA SER A 109 19.05 10.64 1.94
C SER A 109 17.88 11.05 2.81
N ILE A 110 16.94 10.15 3.03
CA ILE A 110 15.83 10.36 3.98
C ILE A 110 16.18 9.61 5.25
N VAL A 111 15.99 10.21 6.40
CA VAL A 111 16.25 9.57 7.72
C VAL A 111 14.90 9.26 8.34
N THR A 112 14.63 7.99 8.66
CA THR A 112 13.34 7.62 9.29
C THR A 112 13.59 6.92 10.61
N GLU A 113 12.53 6.65 11.33
CA GLU A 113 12.57 5.84 12.57
C GLU A 113 12.94 4.41 12.21
N TYR A 114 13.64 3.75 13.12
CA TYR A 114 14.00 2.33 12.96
C TYR A 114 12.88 1.48 13.54
N VAL A 115 12.53 0.37 12.90
CA VAL A 115 11.44 -0.54 13.36
C VAL A 115 12.04 -1.94 13.41
N ASN A 116 11.80 -2.70 14.48
CA ASN A 116 12.36 -4.08 14.51
C ASN A 116 11.33 -5.00 13.87
N ASN A 117 11.35 -5.11 12.55
CA ASN A 117 10.38 -5.95 11.81
C ASN A 117 10.74 -7.42 11.90
N THR A 118 9.73 -8.27 11.89
CA THR A 118 9.91 -9.71 11.64
C THR A 118 9.49 -9.93 10.21
N GLU A 119 10.29 -10.63 9.40
CA GLU A 119 9.92 -10.77 7.98
C GLU A 119 8.56 -11.46 7.83
N PHE A 120 7.72 -10.97 6.91
CA PHE A 120 6.29 -11.36 6.81
C PHE A 120 6.15 -12.86 6.54
N LYS A 121 7.08 -13.48 5.80
CA LYS A 121 6.95 -14.93 5.48
C LYS A 121 7.10 -15.77 6.74
N THR A 122 7.94 -15.35 7.69
CA THR A 122 8.07 -15.96 9.03
C THR A 122 6.86 -15.56 9.86
N LEU A 123 6.56 -14.25 9.84
CA LEU A 123 5.57 -13.62 10.74
C LEU A 123 4.14 -14.07 10.47
N TYR A 124 3.69 -14.10 9.20
CA TYR A 124 2.25 -14.21 8.85
C TYR A 124 1.68 -15.54 9.32
N PRO A 125 2.36 -16.68 9.13
CA PRO A 125 1.89 -17.96 9.65
C PRO A 125 1.81 -18.01 11.19
N LYS A 126 2.59 -17.24 11.94
CA LYS A 126 2.49 -17.25 13.42
C LYS A 126 1.28 -16.45 13.90
N PHE A 127 0.63 -15.64 13.06
CA PHE A 127 -0.52 -14.82 13.52
C PHE A 127 -1.68 -15.71 13.95
N SER A 128 -2.44 -15.28 14.95
CA SER A 128 -3.78 -15.82 15.25
C SER A 128 -4.82 -15.07 14.42
N ASP A 129 -6.07 -15.52 14.47
CA ASP A 129 -7.21 -14.84 13.84
C ASP A 129 -7.26 -13.39 14.35
N PHE A 130 -7.13 -13.20 15.68
CA PHE A 130 -7.19 -11.86 16.30
C PHE A 130 -6.05 -10.99 15.79
N ASP A 131 -4.84 -11.53 15.63
CA ASP A 131 -3.66 -10.76 15.16
C ASP A 131 -3.94 -10.22 13.75
N VAL A 132 -4.49 -11.03 12.85
CA VAL A 132 -4.81 -10.57 11.48
C VAL A 132 -5.78 -9.40 11.57
N ARG A 133 -6.84 -9.54 12.35
CA ARG A 133 -7.81 -8.44 12.49
C ARG A 133 -7.09 -7.18 13.00
N TYR A 134 -6.24 -7.34 14.00
CA TYR A 134 -5.61 -6.23 14.72
C TYR A 134 -4.65 -5.48 13.79
N TYR A 135 -3.80 -6.20 13.08
CA TYR A 135 -2.77 -5.56 12.25
C TYR A 135 -3.42 -4.98 11.00
N ILE A 136 -4.47 -5.62 10.47
CA ILE A 136 -5.18 -5.04 9.28
C ILE A 136 -5.85 -3.73 9.74
N PHE A 137 -6.44 -3.73 10.92
CA PHE A 137 -7.05 -2.49 11.46
C PHE A 137 -6.00 -1.38 11.54
N GLU A 138 -4.80 -1.67 12.07
CA GLU A 138 -3.71 -0.68 12.23
C GLU A 138 -3.31 -0.19 10.84
N LEU A 139 -3.20 -1.08 9.86
CA LEU A 139 -2.88 -0.69 8.48
C LEU A 139 -3.97 0.23 7.95
N LEU A 140 -5.25 -0.10 8.21
CA LEU A 140 -6.41 0.73 7.81
C LEU A 140 -6.28 2.14 8.41
N LYS A 141 -5.73 2.31 9.61
CA LYS A 141 -5.58 3.67 10.18
C LYS A 141 -4.60 4.47 9.32
N ALA A 142 -3.52 3.86 8.84
CA ALA A 142 -2.52 4.57 8.03
C ALA A 142 -3.13 4.91 6.66
N LEU A 143 -3.92 4.01 6.07
CA LEU A 143 -4.46 4.25 4.72
C LEU A 143 -5.56 5.28 4.83
N ASP A 144 -6.39 5.23 5.85
CA ASP A 144 -7.46 6.27 6.00
C ASP A 144 -6.81 7.63 6.22
N PHE A 145 -5.73 7.69 6.98
CA PHE A 145 -4.99 8.94 7.23
C PHE A 145 -4.44 9.53 5.92
N CYS A 146 -3.66 8.77 5.14
CA CYS A 146 -3.03 9.37 3.94
C CYS A 146 -4.08 9.71 2.88
N HIS A 147 -5.09 8.87 2.66
CA HIS A 147 -6.21 9.17 1.74
C HIS A 147 -6.91 10.46 2.16
N SER A 148 -7.15 10.66 3.46
CA SER A 148 -7.82 11.87 4.01
C SER A 148 -6.92 13.11 3.80
N LYS A 149 -5.63 12.91 3.59
CA LYS A 149 -4.65 13.99 3.29
C LYS A 149 -4.39 14.06 1.78
N GLY A 150 -5.17 13.37 0.95
CA GLY A 150 -5.09 13.56 -0.51
C GLY A 150 -3.94 12.75 -1.12
N ILE A 151 -3.51 11.69 -0.47
CA ILE A 151 -2.34 10.91 -0.92
C ILE A 151 -2.71 9.42 -1.08
N MET A 152 -2.28 8.83 -2.19
CA MET A 152 -2.42 7.40 -2.56
C MET A 152 -1.06 6.78 -2.33
N HIS A 153 -0.99 5.63 -1.67
CA HIS A 153 0.34 5.02 -1.38
C HIS A 153 0.88 4.37 -2.64
N ARG A 154 0.05 3.52 -3.26
CA ARG A 154 0.28 2.90 -4.60
C ARG A 154 1.30 1.77 -4.51
N ASP A 155 1.76 1.39 -3.32
CA ASP A 155 2.66 0.23 -3.27
C ASP A 155 2.35 -0.57 -2.01
N VAL A 156 1.07 -0.74 -1.69
CA VAL A 156 0.72 -1.48 -0.45
C VAL A 156 1.04 -2.96 -0.70
N LYS A 157 1.91 -3.54 0.13
CA LYS A 157 2.31 -4.97 0.05
C LYS A 157 3.00 -5.33 1.36
N PRO A 158 3.20 -6.62 1.65
CA PRO A 158 3.73 -7.05 2.95
C PRO A 158 5.12 -6.45 3.20
N HIS A 159 5.95 -6.33 2.18
CA HIS A 159 7.30 -5.72 2.28
C HIS A 159 7.22 -4.29 2.83
N ASN A 160 6.18 -3.53 2.50
CA ASN A 160 6.08 -2.10 2.90
C ASN A 160 5.27 -1.97 4.19
N VAL A 161 4.91 -3.08 4.82
CA VAL A 161 4.17 -3.03 6.10
C VAL A 161 5.06 -3.66 7.16
N MET A 162 5.68 -2.82 7.98
CA MET A 162 6.62 -3.31 9.01
C MET A 162 5.88 -3.51 10.31
N ILE A 163 6.03 -4.69 10.89
CA ILE A 163 5.32 -5.02 12.16
C ILE A 163 6.38 -5.39 13.20
N ASP A 164 6.33 -4.76 14.36
CA ASP A 164 7.09 -5.18 15.56
C ASP A 164 6.12 -6.03 16.38
N HIS A 165 6.18 -7.34 16.23
CA HIS A 165 5.20 -8.24 16.86
C HIS A 165 5.31 -8.15 18.39
N GLU A 166 6.50 -7.94 18.95
CA GLU A 166 6.69 -7.82 20.42
C GLU A 166 5.97 -6.58 20.94
N LYS A 167 6.12 -5.44 20.28
CA LYS A 167 5.48 -4.16 20.69
C LYS A 167 4.06 -4.03 20.14
N ARG A 168 3.67 -4.92 19.22
CA ARG A 168 2.33 -4.89 18.53
C ARG A 168 2.17 -3.55 17.81
N THR A 169 3.21 -3.09 17.14
CA THR A 169 3.20 -1.80 16.40
C THR A 169 3.41 -2.04 14.91
N LEU A 170 2.85 -1.15 14.12
CA LEU A 170 2.88 -1.28 12.64
C LEU A 170 3.29 0.04 11.99
N ARG A 171 4.05 -0.03 10.91
CA ARG A 171 4.42 1.18 10.15
C ARG A 171 4.26 0.89 8.67
N LEU A 172 3.52 1.75 7.98
CA LEU A 172 3.46 1.73 6.49
C LEU A 172 4.66 2.54 5.99
N ILE A 173 5.55 1.89 5.25
CA ILE A 173 6.84 2.49 4.83
C ILE A 173 6.85 2.69 3.32
N ASP A 174 7.98 3.20 2.81
CA ASP A 174 8.32 3.34 1.37
C ASP A 174 7.20 4.07 0.63
N TRP A 175 7.18 5.40 0.78
CA TRP A 175 6.25 6.34 0.14
C TRP A 175 6.80 6.83 -1.21
N GLY A 176 7.80 6.13 -1.76
CA GLY A 176 8.48 6.51 -3.01
C GLY A 176 7.58 6.41 -4.25
N LEU A 177 6.56 5.56 -4.24
CA LEU A 177 5.56 5.51 -5.35
C LEU A 177 4.37 6.37 -5.02
N ALA A 178 4.27 6.89 -3.81
CA ALA A 178 3.02 7.58 -3.43
C ALA A 178 2.82 8.85 -4.26
N GLU A 179 1.56 9.27 -4.40
CA GLU A 179 1.19 10.42 -5.23
C GLU A 179 -0.06 11.11 -4.66
N PHE A 180 -0.18 12.39 -4.94
CA PHE A 180 -1.35 13.22 -4.59
C PHE A 180 -2.46 12.97 -5.60
N TYR A 181 -3.68 12.81 -5.08
CA TYR A 181 -4.87 12.54 -5.90
C TYR A 181 -5.49 13.88 -6.35
N HIS A 182 -5.58 14.07 -7.65
CA HIS A 182 -6.20 15.27 -8.26
C HIS A 182 -7.31 14.79 -9.19
N PRO A 183 -8.58 15.18 -8.97
CA PRO A 183 -9.69 14.69 -9.79
C PRO A 183 -9.42 14.77 -11.29
N GLY A 184 -9.57 13.64 -11.98
CA GLY A 184 -9.50 13.55 -13.44
C GLY A 184 -8.07 13.39 -13.93
N THR A 185 -7.08 13.30 -13.04
CA THR A 185 -5.68 13.16 -13.46
C THR A 185 -5.51 11.77 -14.09
N GLU A 186 -4.75 11.68 -15.16
CA GLU A 186 -4.36 10.38 -15.73
C GLU A 186 -3.05 9.97 -15.05
N TYR A 187 -3.08 8.91 -14.26
CA TYR A 187 -1.88 8.41 -13.54
C TYR A 187 -1.22 7.28 -14.32
N ASN A 188 0.08 7.12 -14.07
CA ASN A 188 0.92 6.03 -14.60
C ASN A 188 0.35 4.73 -14.05
N VAL A 189 0.14 3.74 -14.91
CA VAL A 189 -0.42 2.45 -14.46
C VAL A 189 0.71 1.50 -14.11
N ARG A 190 1.98 1.87 -14.32
CA ARG A 190 3.16 1.04 -14.00
C ARG A 190 3.57 1.32 -12.55
N VAL A 191 2.64 1.07 -11.62
CA VAL A 191 2.85 1.20 -10.16
C VAL A 191 2.45 -0.13 -9.50
N ALA A 192 2.93 -0.33 -8.28
CA ALA A 192 2.70 -1.45 -7.36
C ALA A 192 3.45 -2.73 -7.81
N SER A 193 3.57 -3.71 -6.93
CA SER A 193 4.18 -4.99 -7.32
C SER A 193 3.12 -5.74 -8.12
N ARG A 194 3.53 -6.61 -9.04
CA ARG A 194 2.60 -7.32 -9.96
C ARG A 194 1.47 -7.98 -9.16
N TYR A 195 1.77 -8.73 -8.10
CA TYR A 195 0.77 -9.51 -7.33
C TYR A 195 -0.24 -8.60 -6.64
N PHE A 196 0.09 -7.34 -6.39
CA PHE A 196 -0.81 -6.38 -5.71
C PHE A 196 -1.40 -5.37 -6.68
N LYS A 197 -1.21 -5.52 -8.00
CA LYS A 197 -1.71 -4.53 -8.98
C LYS A 197 -3.22 -4.69 -9.10
N GLY A 198 -3.97 -3.61 -8.99
CA GLY A 198 -5.41 -3.67 -9.20
C GLY A 198 -5.71 -3.92 -10.68
N PRO A 199 -6.91 -4.43 -10.98
CA PRO A 199 -7.36 -4.61 -12.36
C PRO A 199 -7.23 -3.33 -13.20
N GLU A 200 -7.53 -2.15 -12.62
CA GLU A 200 -7.41 -0.87 -13.31
C GLU A 200 -6.01 -0.74 -13.89
N LEU A 201 -4.95 -1.08 -13.15
CA LEU A 201 -3.56 -0.99 -13.69
C LEU A 201 -3.42 -2.03 -14.80
N LEU A 202 -4.03 -3.21 -14.65
CA LEU A 202 -3.82 -4.34 -15.59
C LEU A 202 -4.52 -4.03 -16.93
N VAL A 203 -5.56 -3.22 -16.96
CA VAL A 203 -6.29 -2.92 -18.23
C VAL A 203 -6.03 -1.46 -18.62
N ASP A 204 -4.94 -0.86 -18.14
CA ASP A 204 -4.51 0.53 -18.49
C ASP A 204 -5.61 1.57 -18.21
N PHE A 205 -6.35 1.47 -17.11
CA PHE A 205 -7.35 2.50 -16.73
C PHE A 205 -6.62 3.55 -15.90
N GLN A 206 -6.49 4.79 -16.38
CA GLN A 206 -5.53 5.73 -15.77
C GLN A 206 -6.18 6.64 -14.73
N GLU A 207 -7.51 6.70 -14.69
CA GLU A 207 -8.22 7.66 -13.82
C GLU A 207 -8.53 6.97 -12.49
N TYR A 208 -7.53 6.30 -11.89
CA TYR A 208 -7.69 5.57 -10.61
C TYR A 208 -7.56 6.52 -9.41
N ASP A 209 -7.79 6.01 -8.21
CA ASP A 209 -7.78 6.85 -6.99
C ASP A 209 -7.27 6.04 -5.79
N TYR A 210 -7.58 6.51 -4.59
CA TYR A 210 -7.18 5.89 -3.30
C TYR A 210 -7.59 4.41 -3.26
N SER A 211 -8.62 4.03 -4.01
CA SER A 211 -9.27 2.68 -3.99
C SER A 211 -8.29 1.62 -4.53
N LEU A 212 -7.28 2.01 -5.28
CA LEU A 212 -6.16 1.13 -5.68
C LEU A 212 -5.53 0.47 -4.46
N ASP A 213 -5.29 1.27 -3.43
CA ASP A 213 -4.69 0.81 -2.16
C ASP A 213 -5.61 -0.24 -1.53
N MET A 214 -6.93 -0.11 -1.65
CA MET A 214 -7.87 -1.09 -1.06
C MET A 214 -7.78 -2.42 -1.84
N TRP A 215 -7.58 -2.43 -3.15
CA TRP A 215 -7.33 -3.72 -3.84
C TRP A 215 -6.07 -4.38 -3.25
N SER A 216 -4.99 -3.61 -3.07
CA SER A 216 -3.68 -4.12 -2.60
C SER A 216 -3.86 -4.67 -1.20
N LEU A 217 -4.62 -3.96 -0.38
CA LEU A 217 -4.92 -4.45 0.99
C LEU A 217 -5.63 -5.80 0.86
N GLY A 218 -6.57 -5.92 -0.06
CA GLY A 218 -7.38 -7.15 -0.27
C GLY A 218 -6.50 -8.32 -0.63
N CYS A 219 -5.46 -8.10 -1.44
CA CYS A 219 -4.48 -9.12 -1.85
C CYS A 219 -3.67 -9.58 -0.63
N MET A 220 -3.23 -8.64 0.20
CA MET A 220 -2.52 -8.96 1.47
C MET A 220 -3.45 -9.77 2.38
N PHE A 221 -4.68 -9.32 2.56
CA PHE A 221 -5.63 -9.98 3.49
C PHE A 221 -5.87 -11.41 3.01
N ALA A 222 -6.10 -11.63 1.72
CA ALA A 222 -6.35 -12.97 1.14
C ALA A 222 -5.16 -13.87 1.44
N SER A 223 -3.94 -13.35 1.25
CA SER A 223 -2.71 -14.15 1.46
C SER A 223 -2.62 -14.54 2.93
N MET A 224 -3.00 -13.66 3.85
CA MET A 224 -2.94 -13.95 5.31
C MET A 224 -3.98 -15.01 5.72
N ILE A 225 -5.26 -14.86 5.34
CA ILE A 225 -6.32 -15.77 5.85
C ILE A 225 -6.37 -17.08 5.06
N PHE A 226 -5.89 -17.16 3.84
CA PHE A 226 -5.90 -18.42 3.05
C PHE A 226 -4.53 -19.08 3.06
N ARG A 227 -3.54 -18.42 3.65
CA ARG A 227 -2.12 -18.88 3.71
C ARG A 227 -1.65 -19.25 2.30
N LYS A 228 -1.85 -18.35 1.36
CA LYS A 228 -1.31 -18.50 -0.02
C LYS A 228 -0.64 -17.18 -0.38
N GLU A 229 0.68 -17.18 -0.49
CA GLU A 229 1.50 -15.95 -0.69
C GLU A 229 2.29 -16.09 -1.99
N PRO A 230 2.13 -15.21 -3.00
CA PRO A 230 1.02 -14.25 -3.07
C PRO A 230 -0.29 -14.94 -3.46
N PHE A 231 -1.44 -14.30 -3.22
CA PHE A 231 -2.74 -14.95 -3.49
C PHE A 231 -2.93 -15.11 -5.00
N PHE A 232 -2.80 -14.02 -5.77
CA PHE A 232 -2.89 -14.03 -7.25
C PHE A 232 -1.47 -14.04 -7.81
N HIS A 233 -1.01 -15.23 -8.20
CA HIS A 233 0.39 -15.52 -8.57
C HIS A 233 0.54 -15.46 -10.09
N GLY A 234 0.47 -14.28 -10.69
CA GLY A 234 0.58 -14.18 -12.16
C GLY A 234 2.02 -14.33 -12.59
N HIS A 235 2.30 -15.01 -13.72
CA HIS A 235 3.70 -15.14 -14.22
C HIS A 235 4.10 -13.84 -14.92
N ASP A 236 3.15 -12.98 -15.32
CA ASP A 236 3.44 -11.63 -15.90
C ASP A 236 2.16 -10.80 -15.81
N ASN A 237 2.18 -9.56 -16.30
CA ASN A 237 1.05 -8.61 -16.09
C ASN A 237 -0.21 -9.15 -16.78
N ALA A 238 -0.12 -9.71 -17.97
CA ALA A 238 -1.31 -10.25 -18.66
C ALA A 238 -1.83 -11.45 -17.87
N ASP A 239 -0.93 -12.29 -17.42
CA ASP A 239 -1.31 -13.49 -16.65
C ASP A 239 -1.91 -13.07 -15.30
N GLN A 240 -1.47 -11.95 -14.74
CA GLN A 240 -1.99 -11.48 -13.42
C GLN A 240 -3.49 -11.27 -13.57
N LEU A 241 -3.95 -10.66 -14.68
CA LEU A 241 -5.39 -10.44 -14.92
C LEU A 241 -6.12 -11.78 -15.09
N VAL A 242 -5.50 -12.77 -15.73
CA VAL A 242 -6.14 -14.10 -15.91
C VAL A 242 -6.31 -14.75 -14.54
N LYS A 243 -5.31 -14.66 -13.68
CA LYS A 243 -5.41 -15.27 -12.33
C LYS A 243 -6.56 -14.61 -11.61
N ILE A 244 -6.69 -13.29 -11.71
CA ILE A 244 -7.78 -12.59 -11.00
C ILE A 244 -9.10 -13.10 -11.61
N ALA A 245 -9.17 -13.16 -12.94
CA ALA A 245 -10.39 -13.54 -13.69
C ALA A 245 -10.78 -14.97 -13.34
N LYS A 246 -9.81 -15.82 -13.04
CA LYS A 246 -10.11 -17.23 -12.69
C LYS A 246 -10.73 -17.31 -11.30
N VAL A 247 -10.71 -16.24 -10.53
CA VAL A 247 -11.41 -16.23 -9.22
C VAL A 247 -12.67 -15.34 -9.24
N LEU A 248 -12.61 -14.09 -9.69
CA LEU A 248 -13.78 -13.18 -9.63
C LEU A 248 -14.76 -13.53 -10.75
N GLY A 249 -14.30 -14.20 -11.80
CA GLY A 249 -15.14 -14.58 -12.94
C GLY A 249 -15.09 -13.57 -14.06
N THR A 250 -15.28 -14.03 -15.28
CA THR A 250 -15.26 -13.19 -16.50
C THR A 250 -16.57 -12.42 -16.63
N ASP A 251 -17.69 -12.88 -16.08
CA ASP A 251 -18.95 -12.09 -16.23
C ASP A 251 -18.80 -10.71 -15.58
N GLU A 252 -18.33 -10.64 -14.34
CA GLU A 252 -18.20 -9.34 -13.63
C GLU A 252 -17.09 -8.54 -14.30
N LEU A 253 -16.12 -9.18 -14.96
CA LEU A 253 -15.05 -8.43 -15.62
C LEU A 253 -15.65 -7.66 -16.82
N TYR A 254 -16.50 -8.28 -17.61
CA TYR A 254 -17.04 -7.69 -18.86
C TYR A 254 -18.01 -6.54 -18.58
N THR A 255 -18.84 -6.62 -17.54
CA THR A 255 -19.75 -5.49 -17.22
C THR A 255 -18.87 -4.36 -16.72
N TYR A 256 -17.85 -4.64 -15.93
CA TYR A 256 -16.92 -3.59 -15.44
C TYR A 256 -16.28 -2.88 -16.64
N LEU A 257 -15.73 -3.62 -17.60
CA LEU A 257 -15.08 -3.05 -18.81
C LEU A 257 -16.06 -2.16 -19.57
N GLU A 258 -17.31 -2.61 -19.69
CA GLU A 258 -18.37 -1.88 -20.41
C GLU A 258 -18.69 -0.61 -19.61
N ARG A 259 -18.77 -0.74 -18.29
CA ARG A 259 -19.11 0.37 -17.38
C ARG A 259 -18.09 1.51 -17.53
N TYR A 260 -16.80 1.22 -17.71
CA TYR A 260 -15.76 2.29 -17.77
C TYR A 260 -15.25 2.47 -19.20
N ASP A 261 -15.92 1.87 -20.17
CA ASP A 261 -15.60 1.96 -21.63
C ASP A 261 -14.13 1.61 -21.82
N ILE A 262 -13.72 0.45 -21.33
CA ILE A 262 -12.33 -0.06 -21.51
C ILE A 262 -12.34 -1.11 -22.61
N ASP A 263 -11.40 -1.04 -23.55
CA ASP A 263 -11.24 -2.13 -24.54
C ASP A 263 -10.01 -2.93 -24.13
N LEU A 264 -10.15 -4.23 -23.90
CA LEU A 264 -8.97 -5.07 -23.59
C LEU A 264 -8.05 -5.08 -24.78
N ASP A 265 -6.75 -5.01 -24.53
CA ASP A 265 -5.70 -5.28 -25.53
C ASP A 265 -5.95 -6.61 -26.20
N ALA A 266 -5.63 -6.75 -27.49
CA ALA A 266 -5.83 -7.99 -28.29
C ALA A 266 -5.02 -9.17 -27.71
N GLN A 267 -4.01 -8.94 -26.87
CA GLN A 267 -3.22 -10.03 -26.25
C GLN A 267 -4.15 -10.95 -25.44
N PHE A 268 -5.22 -10.42 -24.84
CA PHE A 268 -6.11 -11.21 -23.94
C PHE A 268 -7.01 -12.16 -24.74
N ASP A 269 -7.15 -11.99 -26.05
CA ASP A 269 -8.04 -12.86 -26.87
C ASP A 269 -7.69 -14.35 -26.74
N ASP A 270 -6.41 -14.69 -26.70
CA ASP A 270 -5.97 -16.10 -26.70
C ASP A 270 -5.87 -16.67 -25.30
N ILE A 271 -5.64 -15.83 -24.29
CA ILE A 271 -5.25 -16.37 -22.97
C ILE A 271 -6.40 -16.21 -21.99
N LEU A 272 -7.38 -15.37 -22.29
CA LEU A 272 -8.49 -15.13 -21.34
C LEU A 272 -9.71 -15.94 -21.77
N GLY A 273 -10.07 -16.97 -21.00
CA GLY A 273 -11.24 -17.83 -21.25
C GLY A 273 -12.47 -17.28 -20.54
N ARG A 274 -13.54 -18.08 -20.36
CA ARG A 274 -14.73 -17.67 -19.58
C ARG A 274 -14.77 -18.53 -18.34
N TYR A 275 -14.70 -17.82 -17.24
CA TYR A 275 -14.57 -18.47 -15.95
C TYR A 275 -15.73 -18.03 -15.11
N PRO A 276 -16.34 -18.98 -14.41
CA PRO A 276 -17.36 -18.65 -13.43
C PRO A 276 -16.64 -18.13 -12.18
N ARG A 277 -17.37 -17.39 -11.36
CA ARG A 277 -16.86 -16.89 -10.06
C ARG A 277 -16.56 -18.13 -9.20
N LYS A 278 -15.36 -18.20 -8.64
CA LYS A 278 -15.00 -19.26 -7.67
C LYS A 278 -15.42 -18.72 -6.32
N PRO A 279 -16.34 -19.35 -5.57
CA PRO A 279 -16.73 -18.77 -4.29
C PRO A 279 -15.51 -18.83 -3.34
N TRP A 280 -15.46 -17.89 -2.41
CA TRP A 280 -14.36 -17.70 -1.44
C TRP A 280 -14.16 -18.98 -0.64
N SER A 281 -15.23 -19.69 -0.29
CA SER A 281 -15.20 -20.94 0.52
C SER A 281 -14.29 -22.02 -0.12
N ARG A 282 -14.10 -22.01 -1.43
CA ARG A 282 -13.25 -23.04 -2.08
C ARG A 282 -11.79 -22.87 -1.69
N PHE A 283 -11.37 -21.74 -1.12
CA PHE A 283 -9.94 -21.55 -0.74
C PHE A 283 -9.76 -22.00 0.71
N VAL A 284 -10.83 -22.32 1.42
CA VAL A 284 -10.73 -22.81 2.82
C VAL A 284 -10.06 -24.19 2.84
N SER A 285 -9.10 -24.38 3.74
CA SER A 285 -8.34 -25.64 3.90
C SER A 285 -8.16 -25.93 5.40
N SER A 286 -7.66 -27.10 5.73
CA SER A 286 -7.35 -27.48 7.13
C SER A 286 -6.42 -26.44 7.74
N GLU A 287 -5.33 -26.12 7.04
CA GLU A 287 -4.27 -25.22 7.55
C GLU A 287 -4.74 -23.77 7.70
N ASN A 288 -5.67 -23.24 6.89
CA ASN A 288 -6.03 -21.80 6.98
C ASN A 288 -7.36 -21.59 7.70
N GLN A 289 -8.09 -22.64 8.09
CA GLN A 289 -9.49 -22.49 8.58
C GLN A 289 -9.54 -21.73 9.92
N ARG A 290 -8.46 -21.72 10.70
CA ARG A 290 -8.38 -20.94 11.94
C ARG A 290 -8.47 -19.43 11.67
N TYR A 291 -8.28 -18.97 10.44
CA TYR A 291 -8.42 -17.53 10.11
C TYR A 291 -9.81 -17.24 9.56
N ILE A 292 -10.58 -18.27 9.27
CA ILE A 292 -11.74 -18.10 8.37
C ILE A 292 -13.02 -17.90 9.18
N SER A 293 -13.83 -16.93 8.78
CA SER A 293 -15.17 -16.70 9.37
C SER A 293 -16.01 -16.03 8.30
N SER A 294 -17.33 -16.01 8.46
CA SER A 294 -18.16 -15.32 7.44
C SER A 294 -17.82 -13.83 7.46
N GLU A 295 -17.52 -13.21 8.60
CA GLU A 295 -17.12 -11.77 8.66
C GLU A 295 -15.84 -11.58 7.84
N ALA A 296 -14.88 -12.51 7.90
CA ALA A 296 -13.62 -12.34 7.16
C ALA A 296 -13.89 -12.42 5.66
N ILE A 297 -14.71 -13.37 5.23
CA ILE A 297 -15.00 -13.60 3.79
C ILE A 297 -15.75 -12.37 3.29
N ASP A 298 -16.74 -11.89 4.04
CA ASP A 298 -17.54 -10.71 3.68
C ASP A 298 -16.57 -9.53 3.50
N PHE A 299 -15.58 -9.38 4.38
CA PHE A 299 -14.66 -8.21 4.34
C PHE A 299 -13.84 -8.32 3.06
N LEU A 300 -13.25 -9.48 2.80
CA LEU A 300 -12.39 -9.71 1.64
C LEU A 300 -13.20 -9.45 0.39
N ASP A 301 -14.43 -9.97 0.34
CA ASP A 301 -15.31 -9.88 -0.84
C ASP A 301 -15.48 -8.41 -1.23
N LYS A 302 -15.63 -7.53 -0.24
CA LYS A 302 -15.90 -6.11 -0.46
C LYS A 302 -14.59 -5.35 -0.74
N LEU A 303 -13.42 -5.99 -0.81
CA LEU A 303 -12.16 -5.30 -1.20
C LEU A 303 -11.78 -5.71 -2.61
N LEU A 304 -11.92 -6.99 -2.92
CA LEU A 304 -11.45 -7.53 -4.22
C LEU A 304 -12.59 -7.45 -5.21
N ARG A 305 -12.86 -6.24 -5.71
CA ARG A 305 -13.84 -6.02 -6.78
C ARG A 305 -13.08 -5.44 -7.96
N TYR A 306 -13.42 -5.85 -9.17
CA TYR A 306 -12.92 -5.16 -10.38
C TYR A 306 -13.20 -3.66 -10.29
N ASP A 307 -14.42 -3.31 -9.98
CA ASP A 307 -14.84 -1.90 -10.03
C ASP A 307 -14.27 -1.24 -8.79
N HIS A 308 -13.30 -0.33 -8.94
CA HIS A 308 -12.63 0.37 -7.83
C HIS A 308 -13.70 1.12 -7.00
N GLN A 309 -14.77 1.56 -7.63
CA GLN A 309 -15.81 2.37 -6.96
C GLN A 309 -16.72 1.46 -6.14
N GLU A 310 -16.60 0.16 -6.25
CA GLU A 310 -17.39 -0.79 -5.42
C GLU A 310 -16.60 -1.11 -4.14
N ARG A 311 -15.30 -0.89 -4.10
CA ARG A 311 -14.46 -1.36 -2.95
C ARG A 311 -14.77 -0.53 -1.69
N LEU A 312 -14.60 -1.13 -0.52
CA LEU A 312 -14.74 -0.32 0.70
C LEU A 312 -13.69 0.80 0.69
N THR A 313 -14.06 1.95 1.23
CA THR A 313 -13.10 3.00 1.66
C THR A 313 -12.40 2.50 2.92
N ALA A 314 -11.26 3.07 3.27
CA ALA A 314 -10.56 2.62 4.48
C ALA A 314 -11.45 2.88 5.69
N GLU A 315 -12.17 3.99 5.69
CA GLU A 315 -13.06 4.35 6.81
C GLU A 315 -14.21 3.35 6.85
N GLU A 316 -14.84 3.00 5.74
CA GLU A 316 -15.92 1.99 5.80
C GLU A 316 -15.33 0.67 6.34
N ALA A 317 -14.12 0.32 5.93
CA ALA A 317 -13.46 -0.96 6.26
C ALA A 317 -13.32 -1.04 7.79
N LYS A 318 -13.02 0.06 8.48
CA LYS A 318 -12.86 0.03 9.96
C LYS A 318 -14.19 -0.25 10.66
N GLU A 319 -15.33 0.04 10.04
CA GLU A 319 -16.69 -0.15 10.62
C GLU A 319 -17.18 -1.58 10.38
N HIS A 320 -16.44 -2.39 9.61
CA HIS A 320 -16.91 -3.76 9.28
C HIS A 320 -16.99 -4.63 10.53
N PRO A 321 -17.96 -5.57 10.64
CA PRO A 321 -18.07 -6.50 11.78
C PRO A 321 -16.82 -7.34 12.07
N TYR A 322 -15.99 -7.61 11.07
CA TYR A 322 -14.71 -8.34 11.22
C TYR A 322 -13.85 -7.68 12.30
N PHE A 323 -13.86 -6.35 12.44
CA PHE A 323 -12.99 -5.62 13.39
C PHE A 323 -13.68 -5.38 14.75
N GLU A 324 -14.88 -5.92 14.95
CA GLU A 324 -15.63 -5.79 16.22
C GLU A 324 -14.75 -6.25 17.39
N PRO A 325 -14.07 -7.41 17.39
CA PRO A 325 -13.20 -7.76 18.50
C PRO A 325 -12.09 -6.73 18.76
N VAL A 326 -11.52 -6.17 17.71
CA VAL A 326 -10.41 -5.20 17.84
C VAL A 326 -10.95 -3.92 18.47
N ARG A 327 -12.12 -3.45 18.01
CA ARG A 327 -12.76 -2.23 18.56
C ARG A 327 -13.08 -2.50 20.04
N GLN A 328 -13.65 -3.67 20.38
CA GLN A 328 -13.98 -4.01 21.78
C GLN A 328 -12.69 -4.02 22.58
N ALA A 329 -11.64 -4.70 22.13
CA ALA A 329 -10.40 -4.78 22.94
C ALA A 329 -9.81 -3.38 23.13
N ALA A 330 -9.92 -2.48 22.16
CA ALA A 330 -9.34 -1.10 22.27
C ALA A 330 -10.11 -0.33 23.35
N ALA A 331 -11.43 -0.51 23.40
CA ALA A 331 -12.36 0.13 24.37
C ALA A 331 -12.08 -0.33 25.79
N GLN A 332 -11.47 -1.50 26.00
CA GLN A 332 -11.07 -1.93 27.37
C GLN A 332 -9.86 -1.08 27.83
N ALA A 333 -9.04 -0.47 26.97
CA ALA A 333 -8.09 0.57 27.47
C ALA A 333 -8.26 1.86 26.68
#